data_7U2V
#
_entry.id   7U2V
#
_cell.length_a   40.846
_cell.length_b   54.613
_cell.length_c   71.464
_cell.angle_alpha   90.000
_cell.angle_beta   102.190
_cell.angle_gamma   90.000
#
_symmetry.space_group_name_H-M   'P 1 21 1'
#
loop_
_entity.id
_entity.type
_entity.pdbx_description
1 polymer 'Cytochrome c2'
2 non-polymer 'HEME C'
3 water water
#
_entity_poly.entity_id   1
_entity_poly.type   'polypeptide(L)'
_entity_poly.pdbx_seq_one_letter_code
;MNIGGYKKKGNLDDEFPDDFVLPPGDKVKGEKLFKKHCKQCHSIAPDNSQTNSGFTSWGPTLFNVYNRTAGMSKGNSPFQ
TSPDLYTSGIIWNDVNLLKYMKNPQQFVESHIGMNFKGLSNLQERVDIVHYLKTLTYDDPYGKQIVEKYTKKGKTSGSK
;
_entity_poly.pdbx_strand_id   A,B
#
loop_
_chem_comp.id
_chem_comp.type
_chem_comp.name
_chem_comp.formula
HEC non-polymer 'HEME C' 'C34 H34 Fe N4 O4'
#
# COMPACT_ATOMS: atom_id res chain seq x y z
N PHE A 20 -11.08 13.17 22.42
CA PHE A 20 -9.78 13.77 22.11
C PHE A 20 -9.93 14.85 21.05
N VAL A 21 -9.19 15.94 21.23
CA VAL A 21 -9.19 17.07 20.30
C VAL A 21 -7.81 17.16 19.67
N LEU A 22 -7.75 17.51 18.39
CA LEU A 22 -6.47 17.72 17.72
C LEU A 22 -5.79 18.92 18.37
N PRO A 23 -4.62 18.77 18.98
CA PRO A 23 -3.98 19.91 19.64
C PRO A 23 -3.53 20.94 18.64
N PRO A 24 -3.13 22.13 19.11
CA PRO A 24 -2.72 23.19 18.17
C PRO A 24 -1.56 22.75 17.30
N GLY A 25 -1.59 23.16 16.04
CA GLY A 25 -0.58 22.77 15.08
C GLY A 25 -0.33 23.87 14.06
N ASP A 26 0.66 23.61 13.20
CA ASP A 26 1.15 24.59 12.22
C ASP A 26 1.03 23.97 10.84
N LYS A 27 0.09 24.48 10.04
CA LYS A 27 -0.13 23.90 8.72
C LYS A 27 1.03 24.16 7.77
N VAL A 28 1.77 25.26 7.98
CA VAL A 28 2.92 25.56 7.13
C VAL A 28 4.05 24.56 7.41
N LYS A 29 4.40 24.40 8.68
CA LYS A 29 5.30 23.31 9.05
C LYS A 29 4.75 21.97 8.62
N GLY A 30 3.42 21.84 8.59
CA GLY A 30 2.82 20.62 8.10
C GLY A 30 3.15 20.34 6.65
N GLU A 31 3.03 21.38 5.81
CA GLU A 31 3.41 21.22 4.40
C GLU A 31 4.89 20.91 4.26
N LYS A 32 5.73 21.57 5.06
CA LYS A 32 7.17 21.29 5.00
C LYS A 32 7.44 19.82 5.33
N LEU A 33 6.86 19.33 6.43
CA LEU A 33 7.06 17.95 6.81
C LEU A 33 6.48 16.99 5.79
N PHE A 34 5.35 17.35 5.17
CA PHE A 34 4.78 16.51 4.13
C PHE A 34 5.75 16.39 2.96
N LYS A 35 6.34 17.50 2.54
CA LYS A 35 7.34 17.44 1.48
C LYS A 35 8.51 16.56 1.89
N LYS A 36 8.97 16.70 3.13
CA LYS A 36 10.16 15.97 3.57
C LYS A 36 9.89 14.47 3.70
N HIS A 37 8.69 14.09 4.11
CA HIS A 37 8.44 12.73 4.59
C HIS A 37 7.39 11.95 3.83
N CYS A 38 6.53 12.61 3.04
CA CYS A 38 5.41 11.90 2.45
C CYS A 38 5.32 12.08 0.93
N LYS A 39 5.79 13.22 0.43
CA LYS A 39 5.64 13.51 -0.99
C LYS A 39 6.30 12.45 -1.87
N GLN A 40 7.36 11.81 -1.36
CA GLN A 40 8.09 10.86 -2.19
C GLN A 40 7.22 9.73 -2.69
N CYS A 41 6.17 9.37 -1.95
CA CYS A 41 5.25 8.31 -2.34
C CYS A 41 3.81 8.77 -2.49
N HIS A 42 3.49 10.01 -2.14
CA HIS A 42 2.11 10.46 -2.07
C HIS A 42 1.95 11.76 -2.85
N SER A 43 1.00 11.78 -3.77
CA SER A 43 0.59 13.01 -4.44
C SER A 43 -0.48 13.72 -3.63
N ILE A 44 -0.69 14.99 -3.95
CA ILE A 44 -1.74 15.78 -3.32
C ILE A 44 -2.77 16.26 -4.34
N ALA A 45 -2.83 15.61 -5.50
CA ALA A 45 -3.75 15.99 -6.56
C ALA A 45 -5.11 15.35 -6.33
N PRO A 46 -6.19 16.02 -6.75
CA PRO A 46 -7.51 15.37 -6.74
C PRO A 46 -7.51 14.16 -7.65
N ASP A 47 -8.16 13.09 -7.19
CA ASP A 47 -8.22 11.85 -7.95
C ASP A 47 -9.30 10.94 -7.41
N THR A 56 0.22 9.91 -11.19
CA THR A 56 -0.05 9.04 -10.05
C THR A 56 1.25 8.73 -9.31
N SER A 57 1.13 8.49 -8.01
CA SER A 57 2.24 8.10 -7.16
C SER A 57 2.07 6.65 -6.72
N TRP A 58 3.11 6.12 -6.07
CA TRP A 58 3.03 4.76 -5.54
C TRP A 58 1.82 4.62 -4.62
N GLY A 59 1.78 5.39 -3.55
CA GLY A 59 0.65 5.38 -2.66
C GLY A 59 -0.51 6.19 -3.22
N PRO A 60 -1.66 6.03 -2.59
CA PRO A 60 -2.84 6.81 -3.02
C PRO A 60 -2.63 8.29 -2.74
N THR A 61 -3.37 9.10 -3.49
CA THR A 61 -3.34 10.55 -3.25
C THR A 61 -3.89 10.84 -1.85
N LEU A 62 -3.20 11.71 -1.13
CA LEU A 62 -3.65 12.13 0.19
C LEU A 62 -4.54 13.36 0.15
N PHE A 63 -4.90 13.83 -1.04
CA PHE A 63 -5.88 14.90 -1.15
C PHE A 63 -7.24 14.39 -0.70
N ASN A 64 -7.86 15.10 0.23
CA ASN A 64 -9.17 14.73 0.76
C ASN A 64 -9.11 13.42 1.54
N VAL A 65 -7.95 13.13 2.14
CA VAL A 65 -7.82 11.93 2.96
C VAL A 65 -8.47 12.12 4.32
N TYR A 66 -8.65 13.36 4.77
CA TYR A 66 -9.25 13.61 6.06
C TYR A 66 -10.68 13.10 6.08
N ASN A 67 -10.99 12.22 7.03
CA ASN A 67 -12.28 11.58 7.20
C ASN A 67 -12.61 10.59 6.10
N ARG A 68 -11.66 10.29 5.22
CA ARG A 68 -11.88 9.31 4.17
C ARG A 68 -11.89 7.89 4.75
N THR A 69 -12.60 7.00 4.06
CA THR A 69 -12.59 5.59 4.45
C THR A 69 -11.26 4.97 4.02
N ALA A 70 -10.52 4.45 4.99
CA ALA A 70 -9.19 3.92 4.70
C ALA A 70 -9.28 2.70 3.77
N GLY A 71 -8.30 2.59 2.88
CA GLY A 71 -8.27 1.46 1.97
C GLY A 71 -8.17 0.12 2.68
N MET A 72 -7.45 0.08 3.80
CA MET A 72 -7.31 -1.17 4.54
C MET A 72 -8.64 -1.66 5.10
N SER A 73 -9.69 -0.85 5.03
CA SER A 73 -11.02 -1.35 5.36
C SER A 73 -11.38 -2.55 4.52
N LYS A 74 -10.86 -2.62 3.28
CA LYS A 74 -11.11 -3.76 2.41
C LYS A 74 -10.32 -5.00 2.83
N GLY A 75 -9.38 -4.87 3.75
CA GLY A 75 -8.62 -6.03 4.21
C GLY A 75 -9.53 -7.04 4.91
N ASN A 76 -9.19 -8.31 4.74
CA ASN A 76 -9.97 -9.41 5.29
C ASN A 76 -11.46 -9.23 4.94
N SER A 77 -11.71 -9.11 3.64
CA SER A 77 -13.07 -8.89 3.14
C SER A 77 -13.96 -10.10 3.41
N LEU A 85 -23.55 -8.02 4.49
CA LEU A 85 -22.27 -8.03 5.21
C LEU A 85 -21.43 -6.81 4.85
N TYR A 86 -22.09 -5.72 4.47
CA TYR A 86 -21.39 -4.48 4.15
C TYR A 86 -20.80 -3.86 5.40
N THR A 87 -19.64 -3.23 5.25
CA THR A 87 -18.94 -2.61 6.37
C THR A 87 -18.52 -1.20 5.98
N SER A 88 -18.78 -0.25 6.88
CA SER A 88 -18.44 1.15 6.60
C SER A 88 -16.94 1.36 6.59
N GLY A 89 -16.21 0.66 7.46
CA GLY A 89 -14.77 0.65 7.43
C GLY A 89 -14.14 1.56 8.48
N ILE A 90 -12.84 1.80 8.27
CA ILE A 90 -12.03 2.66 9.13
C ILE A 90 -11.99 4.05 8.51
N ILE A 91 -12.12 5.07 9.36
CA ILE A 91 -12.11 6.46 8.94
C ILE A 91 -10.76 7.08 9.28
N TRP A 92 -10.23 7.90 8.38
CA TRP A 92 -8.97 8.61 8.63
C TRP A 92 -9.27 9.94 9.34
N ASN A 93 -9.63 9.82 10.62
CA ASN A 93 -9.86 10.97 11.46
C ASN A 93 -8.56 11.40 12.13
N ASP A 94 -8.64 12.41 13.00
CA ASP A 94 -7.44 12.95 13.64
C ASP A 94 -6.65 11.84 14.35
N VAL A 95 -7.32 11.15 15.27
CA VAL A 95 -6.64 10.16 16.10
C VAL A 95 -6.04 9.06 15.24
N ASN A 96 -6.78 8.59 14.24
CA ASN A 96 -6.29 7.49 13.42
C ASN A 96 -5.11 7.92 12.56
N LEU A 97 -5.16 9.13 12.01
CA LEU A 97 -4.01 9.64 11.25
C LEU A 97 -2.78 9.74 12.13
N LEU A 98 -2.95 10.27 13.34
CA LEU A 98 -1.81 10.39 14.26
C LEU A 98 -1.23 9.02 14.59
N LYS A 99 -2.10 8.06 14.94
CA LYS A 99 -1.64 6.73 15.30
C LYS A 99 -0.92 6.06 14.13
N TYR A 100 -1.50 6.14 12.93
CA TYR A 100 -0.89 5.52 11.77
C TYR A 100 0.47 6.15 11.48
N MET A 101 0.55 7.48 11.48
CA MET A 101 1.83 8.14 11.26
C MET A 101 2.85 7.73 12.32
N LYS A 102 2.41 7.45 13.54
CA LYS A 102 3.33 6.99 14.57
C LYS A 102 4.00 5.68 14.16
N ASN A 103 3.21 4.64 13.93
CA ASN A 103 3.72 3.33 13.55
C ASN A 103 2.74 2.68 12.58
N PRO A 104 2.94 2.87 11.27
CA PRO A 104 1.97 2.33 10.30
C PRO A 104 1.71 0.83 10.45
N GLN A 105 2.76 0.01 10.52
CA GLN A 105 2.55 -1.44 10.55
C GLN A 105 1.84 -1.86 11.84
N GLN A 106 2.13 -1.20 12.96
CA GLN A 106 1.40 -1.50 14.19
C GLN A 106 -0.07 -1.10 14.06
N PHE A 107 -0.35 0.03 13.42
CA PHE A 107 -1.73 0.40 13.15
C PHE A 107 -2.44 -0.66 12.33
N VAL A 108 -1.78 -1.14 11.28
CA VAL A 108 -2.36 -2.17 10.43
C VAL A 108 -2.65 -3.43 11.22
N GLU A 109 -1.66 -3.88 12.01
CA GLU A 109 -1.87 -5.08 12.81
C GLU A 109 -3.03 -4.91 13.78
N SER A 110 -3.10 -3.75 14.43
CA SER A 110 -4.14 -3.53 15.44
C SER A 110 -5.53 -3.49 14.81
N HIS A 111 -5.69 -2.83 13.67
CA HIS A 111 -7.02 -2.60 13.13
C HIS A 111 -7.47 -3.70 12.17
N ILE A 112 -6.54 -4.31 11.43
CA ILE A 112 -6.88 -5.43 10.57
C ILE A 112 -6.82 -6.75 11.33
N GLY A 113 -5.97 -6.82 12.36
CA GLY A 113 -5.69 -8.06 13.05
C GLY A 113 -4.43 -8.74 12.59
N MET A 114 -3.98 -8.47 11.36
CA MET A 114 -2.80 -9.10 10.81
C MET A 114 -1.99 -8.09 10.01
N ASN A 115 -0.77 -8.48 9.69
CA ASN A 115 0.06 -7.74 8.76
C ASN A 115 1.07 -8.69 8.15
N PHE A 116 1.63 -8.29 7.02
CA PHE A 116 2.64 -9.09 6.32
C PHE A 116 4.01 -8.50 6.61
N LYS A 117 4.78 -9.17 7.46
CA LYS A 117 6.14 -8.78 7.77
C LYS A 117 7.19 -9.59 7.02
N GLY A 118 6.76 -10.63 6.30
CA GLY A 118 7.69 -11.46 5.55
C GLY A 118 7.41 -12.95 5.70
N LEU A 119 8.05 -13.76 4.86
CA LEU A 119 7.94 -15.21 4.90
C LEU A 119 9.35 -15.78 4.85
N SER A 120 9.84 -16.27 5.99
CA SER A 120 11.24 -16.68 6.07
C SER A 120 11.53 -17.86 5.15
N ASN A 121 10.69 -18.88 5.19
CA ASN A 121 10.99 -20.13 4.50
C ASN A 121 11.08 -19.92 2.99
N LEU A 122 12.20 -20.32 2.39
CA LEU A 122 12.42 -20.08 0.98
C LEU A 122 11.52 -20.96 0.11
N GLN A 123 11.23 -22.19 0.54
CA GLN A 123 10.43 -23.09 -0.29
C GLN A 123 8.98 -22.61 -0.35
N GLU A 124 8.45 -22.08 0.75
CA GLU A 124 7.11 -21.51 0.71
C GLU A 124 7.04 -20.38 -0.30
N ARG A 125 8.07 -19.52 -0.34
CA ARG A 125 8.10 -18.42 -1.30
C ARG A 125 8.20 -18.95 -2.73
N VAL A 126 9.02 -19.98 -2.95
CA VAL A 126 9.14 -20.55 -4.28
C VAL A 126 7.82 -21.14 -4.74
N ASP A 127 7.11 -21.82 -3.82
CA ASP A 127 5.81 -22.39 -4.18
C ASP A 127 4.80 -21.30 -4.47
N ILE A 128 4.82 -20.20 -3.70
CA ILE A 128 3.91 -19.10 -3.98
C ILE A 128 4.21 -18.50 -5.36
N VAL A 129 5.49 -18.38 -5.70
CA VAL A 129 5.84 -17.87 -7.02
C VAL A 129 5.34 -18.81 -8.11
N HIS A 130 5.50 -20.11 -7.90
CA HIS A 130 4.98 -21.09 -8.86
C HIS A 130 3.47 -20.91 -9.05
N TYR A 131 2.75 -20.72 -7.95
CA TYR A 131 1.31 -20.50 -8.05
C TYR A 131 1.00 -19.22 -8.80
N LEU A 132 1.74 -18.14 -8.50
CA LEU A 132 1.46 -16.85 -9.13
C LEU A 132 1.77 -16.87 -10.62
N LYS A 133 2.75 -17.67 -11.04
CA LYS A 133 3.08 -17.75 -12.45
C LYS A 133 1.93 -18.31 -13.28
N THR A 134 0.98 -19.00 -12.67
CA THR A 134 -0.18 -19.54 -13.37
C THR A 134 -1.34 -18.54 -13.46
N LEU A 135 -1.20 -17.36 -12.86
CA LEU A 135 -2.28 -16.36 -12.88
C LEU A 135 -2.06 -15.40 -14.05
N THR A 136 -2.30 -15.93 -15.25
CA THR A 136 -2.16 -15.14 -16.47
C THR A 136 -3.34 -15.45 -17.39
N TYR A 137 -3.47 -14.64 -18.44
CA TYR A 137 -4.55 -14.82 -19.40
C TYR A 137 -4.30 -16.00 -20.35
N ASP A 138 -3.06 -16.46 -20.46
CA ASP A 138 -2.71 -17.56 -21.35
C ASP A 138 -2.45 -18.87 -20.64
N ASP A 139 -2.43 -18.89 -19.31
CA ASP A 139 -2.21 -20.14 -18.58
C ASP A 139 -3.54 -20.86 -18.37
N PRO A 140 -3.55 -22.20 -18.44
CA PRO A 140 -4.82 -22.94 -18.24
C PRO A 140 -5.57 -22.53 -16.98
N TYR A 141 -4.91 -22.62 -15.82
CA TYR A 141 -5.57 -22.25 -14.57
C TYR A 141 -5.97 -20.77 -14.59
N GLY A 142 -5.09 -19.91 -15.10
CA GLY A 142 -5.46 -18.52 -15.25
C GLY A 142 -6.60 -18.32 -16.22
N LYS A 143 -6.62 -19.10 -17.30
CA LYS A 143 -7.75 -19.06 -18.23
C LYS A 143 -9.05 -19.38 -17.51
N GLN A 144 -9.04 -20.41 -16.67
CA GLN A 144 -10.26 -20.78 -15.95
C GLN A 144 -10.67 -19.69 -14.97
N ILE A 145 -9.69 -19.11 -14.26
CA ILE A 145 -10.02 -18.04 -13.31
C ILE A 145 -10.61 -16.84 -14.04
N VAL A 146 -10.10 -16.55 -15.23
CA VAL A 146 -10.63 -15.46 -16.05
C VAL A 146 -12.05 -15.84 -16.46
N GLU A 147 -13.04 -15.16 -15.89
CA GLU A 147 -14.44 -15.46 -16.18
C GLU A 147 -15.27 -14.21 -15.95
N LYS A 148 -15.91 -13.73 -17.01
CA LYS A 148 -16.74 -12.53 -16.92
C LYS A 148 -18.08 -12.74 -17.64
N PHE B 20 20.36 -16.96 -12.43
CA PHE B 20 19.53 -17.64 -11.45
C PHE B 20 18.16 -17.97 -12.02
N VAL B 21 17.76 -19.24 -11.89
CA VAL B 21 16.46 -19.71 -12.34
C VAL B 21 15.64 -20.11 -11.10
N LEU B 22 14.34 -20.12 -11.27
CA LEU B 22 13.44 -20.43 -10.15
C LEU B 22 13.58 -21.89 -9.77
N PRO B 23 13.88 -22.22 -8.52
CA PRO B 23 14.05 -23.64 -8.14
C PRO B 23 12.76 -24.40 -8.25
N PRO B 24 12.80 -25.73 -8.18
CA PRO B 24 11.58 -26.52 -8.28
C PRO B 24 10.62 -26.20 -7.14
N GLY B 25 9.33 -26.26 -7.44
CA GLY B 25 8.32 -25.92 -6.46
C GLY B 25 6.98 -26.54 -6.81
N ASP B 26 6.02 -26.31 -5.91
CA ASP B 26 4.72 -26.96 -5.95
C ASP B 26 3.64 -25.88 -6.01
N LYS B 27 2.97 -25.77 -7.17
CA LYS B 27 1.94 -24.76 -7.32
C LYS B 27 0.70 -25.05 -6.49
N VAL B 28 0.50 -26.30 -6.07
CA VAL B 28 -0.62 -26.62 -5.19
C VAL B 28 -0.34 -26.09 -3.78
N LYS B 29 0.82 -26.47 -3.22
CA LYS B 29 1.28 -25.84 -1.99
C LYS B 29 1.28 -24.33 -2.13
N GLY B 30 1.61 -23.83 -3.33
CA GLY B 30 1.64 -22.39 -3.54
C GLY B 30 0.28 -21.75 -3.40
N GLU B 31 -0.74 -22.36 -4.03
CA GLU B 31 -2.10 -21.87 -3.88
C GLU B 31 -2.56 -21.91 -2.44
N LYS B 32 -2.21 -23.00 -1.72
CA LYS B 32 -2.61 -23.09 -0.32
C LYS B 32 -1.94 -22.01 0.52
N LEU B 33 -0.64 -21.82 0.33
CA LEU B 33 0.07 -20.77 1.04
C LEU B 33 -0.46 -19.39 0.67
N PHE B 34 -0.96 -19.23 -0.56
CA PHE B 34 -1.55 -17.95 -0.94
C PHE B 34 -2.85 -17.72 -0.18
N LYS B 35 -3.72 -18.73 -0.15
CA LYS B 35 -4.92 -18.64 0.69
C LYS B 35 -4.55 -18.24 2.10
N LYS B 36 -3.52 -18.87 2.66
CA LYS B 36 -3.20 -18.68 4.06
C LYS B 36 -2.62 -17.30 4.33
N HIS B 37 -1.66 -16.85 3.51
CA HIS B 37 -0.84 -15.71 3.85
C HIS B 37 -1.13 -14.45 3.04
N CYS B 38 -1.83 -14.55 1.92
CA CYS B 38 -1.94 -13.41 1.01
C CYS B 38 -3.37 -13.04 0.67
N LYS B 39 -4.27 -14.03 0.64
CA LYS B 39 -5.65 -13.78 0.23
C LYS B 39 -6.30 -12.68 1.06
N GLN B 40 -5.86 -12.50 2.31
CA GLN B 40 -6.52 -11.56 3.21
C GLN B 40 -6.53 -10.14 2.65
N CYS B 41 -5.53 -9.79 1.84
CA CYS B 41 -5.43 -8.45 1.28
C CYS B 41 -5.30 -8.41 -0.23
N HIS B 42 -5.29 -9.55 -0.91
CA HIS B 42 -5.00 -9.59 -2.34
C HIS B 42 -6.04 -10.44 -3.07
N SER B 43 -6.64 -9.84 -4.08
CA SER B 43 -7.52 -10.56 -4.99
C SER B 43 -6.70 -11.29 -6.04
N ILE B 44 -7.34 -12.24 -6.72
CA ILE B 44 -6.69 -12.98 -7.80
C ILE B 44 -7.55 -12.90 -9.06
N ALA B 45 -8.38 -11.87 -9.16
CA ALA B 45 -9.21 -11.66 -10.34
C ALA B 45 -8.61 -10.58 -11.23
N PRO B 46 -8.81 -10.66 -12.56
CA PRO B 46 -8.25 -9.64 -13.46
C PRO B 46 -8.67 -8.22 -13.10
N THR B 56 -11.41 -4.18 -5.13
CA THR B 56 -12.24 -4.90 -4.17
C THR B 56 -11.43 -5.28 -2.93
N SER B 57 -10.15 -5.57 -3.13
CA SER B 57 -9.24 -5.91 -2.05
C SER B 57 -8.39 -4.70 -1.68
N TRP B 58 -7.80 -4.76 -0.48
CA TRP B 58 -6.94 -3.68 -0.03
C TRP B 58 -5.76 -3.49 -0.99
N GLY B 59 -4.92 -4.51 -1.11
CA GLY B 59 -3.79 -4.46 -2.01
C GLY B 59 -4.21 -4.73 -3.43
N PRO B 60 -3.30 -4.44 -4.37
CA PRO B 60 -3.61 -4.68 -5.78
C PRO B 60 -3.82 -6.16 -6.06
N THR B 61 -4.62 -6.44 -7.09
CA THR B 61 -4.81 -7.81 -7.51
C THR B 61 -3.47 -8.41 -7.95
N LEU B 62 -3.22 -9.64 -7.52
CA LEU B 62 -1.99 -10.34 -7.88
C LEU B 62 -2.15 -11.18 -9.14
N PHE B 63 -3.27 -11.07 -9.84
CA PHE B 63 -3.42 -11.74 -11.11
C PHE B 63 -2.53 -11.06 -12.15
N ASN B 64 -1.78 -11.87 -12.90
CA ASN B 64 -0.85 -11.37 -13.90
C ASN B 64 0.18 -10.43 -13.29
N VAL B 65 0.54 -10.68 -12.02
CA VAL B 65 1.59 -9.89 -11.38
C VAL B 65 2.98 -10.34 -11.84
N TYR B 66 3.10 -11.55 -12.38
CA TYR B 66 4.40 -12.04 -12.83
C TYR B 66 4.91 -11.20 -13.98
N ASN B 67 6.15 -10.72 -13.86
CA ASN B 67 6.79 -9.84 -14.83
C ASN B 67 6.09 -8.49 -14.97
N ARG B 68 5.13 -8.19 -14.10
CA ARG B 68 4.41 -6.92 -14.17
C ARG B 68 5.24 -5.80 -13.55
N THR B 69 5.07 -4.60 -14.09
CA THR B 69 5.77 -3.43 -13.55
C THR B 69 5.24 -3.12 -12.16
N ALA B 70 6.14 -3.08 -11.18
CA ALA B 70 5.73 -2.88 -9.80
C ALA B 70 5.24 -1.46 -9.57
N GLY B 71 4.25 -1.34 -8.68
CA GLY B 71 3.70 -0.02 -8.37
C GLY B 71 4.71 0.90 -7.72
N MET B 72 5.58 0.34 -6.87
CA MET B 72 6.61 1.14 -6.22
C MET B 72 7.57 1.76 -7.23
N SER B 73 7.50 1.37 -8.49
CA SER B 73 8.27 2.06 -9.52
C SER B 73 7.93 3.55 -9.57
N LYS B 74 6.70 3.90 -9.16
CA LYS B 74 6.29 5.31 -9.18
C LYS B 74 6.85 6.10 -8.00
N GLY B 75 7.26 5.44 -6.93
CA GLY B 75 7.87 6.15 -5.82
C GLY B 75 9.15 6.84 -6.22
N ASN B 76 9.53 7.84 -5.43
CA ASN B 76 10.75 8.59 -5.68
C ASN B 76 11.52 8.82 -4.39
N SER B 88 8.44 1.78 -15.44
CA SER B 88 8.98 0.46 -15.80
C SER B 88 10.22 0.14 -14.98
N GLY B 89 10.32 0.75 -13.80
CA GLY B 89 11.48 0.57 -12.95
C GLY B 89 11.73 -0.86 -12.53
N ILE B 90 10.99 -1.33 -11.54
CA ILE B 90 11.17 -2.66 -10.97
C ILE B 90 10.14 -3.60 -11.58
N ILE B 91 10.58 -4.77 -11.99
CA ILE B 91 9.71 -5.80 -12.55
C ILE B 91 9.54 -6.90 -11.52
N TRP B 92 8.32 -7.43 -11.41
CA TRP B 92 8.03 -8.52 -10.48
C TRP B 92 8.41 -9.84 -11.16
N ASN B 93 9.71 -10.03 -11.34
CA ASN B 93 10.26 -11.28 -11.83
C ASN B 93 10.47 -12.23 -10.66
N ASP B 94 11.12 -13.37 -10.91
CA ASP B 94 11.23 -14.39 -9.86
C ASP B 94 12.06 -13.89 -8.69
N VAL B 95 13.25 -13.35 -8.97
CA VAL B 95 14.13 -12.89 -7.90
C VAL B 95 13.45 -11.82 -7.07
N ASN B 96 12.79 -10.87 -7.74
CA ASN B 96 12.16 -9.77 -7.01
C ASN B 96 10.99 -10.26 -6.17
N LEU B 97 10.22 -11.21 -6.69
CA LEU B 97 9.12 -11.77 -5.90
C LEU B 97 9.65 -12.51 -4.68
N LEU B 98 10.75 -13.25 -4.84
CA LEU B 98 11.31 -13.97 -3.70
C LEU B 98 11.87 -13.01 -2.66
N LYS B 99 12.52 -11.93 -3.11
CA LYS B 99 13.11 -10.98 -2.16
C LYS B 99 12.03 -10.19 -1.45
N TYR B 100 11.02 -9.72 -2.17
CA TYR B 100 9.94 -8.96 -1.55
C TYR B 100 9.25 -9.78 -0.46
N MET B 101 8.91 -11.03 -0.78
CA MET B 101 8.18 -11.85 0.17
C MET B 101 9.01 -12.16 1.42
N LYS B 102 10.34 -12.17 1.29
CA LYS B 102 11.19 -12.45 2.45
C LYS B 102 11.17 -11.28 3.43
N ASN B 103 11.29 -10.06 2.94
CA ASN B 103 11.24 -8.87 3.78
C ASN B 103 10.75 -7.69 2.96
N PRO B 104 9.44 -7.43 2.93
CA PRO B 104 8.93 -6.34 2.08
C PRO B 104 9.50 -4.98 2.42
N GLN B 105 9.65 -4.64 3.70
CA GLN B 105 10.15 -3.31 4.05
C GLN B 105 11.60 -3.14 3.61
N GLN B 106 12.43 -4.15 3.84
CA GLN B 106 13.82 -4.09 3.37
C GLN B 106 13.87 -3.98 1.86
N PHE B 107 13.03 -4.73 1.16
CA PHE B 107 13.00 -4.63 -0.30
C PHE B 107 12.66 -3.22 -0.75
N VAL B 108 11.64 -2.63 -0.14
CA VAL B 108 11.25 -1.27 -0.49
C VAL B 108 12.40 -0.30 -0.24
N GLU B 109 13.01 -0.39 0.95
CA GLU B 109 14.12 0.50 1.27
C GLU B 109 15.27 0.33 0.28
N SER B 110 15.51 -0.91 -0.16
CA SER B 110 16.68 -1.19 -1.00
C SER B 110 16.46 -0.71 -2.42
N HIS B 111 15.25 -0.85 -2.95
CA HIS B 111 15.00 -0.49 -4.34
C HIS B 111 14.51 0.94 -4.51
N ILE B 112 13.77 1.48 -3.55
CA ILE B 112 13.31 2.86 -3.66
C ILE B 112 14.32 3.82 -3.03
N GLY B 113 15.09 3.35 -2.05
CA GLY B 113 16.05 4.16 -1.36
C GLY B 113 15.61 4.60 0.02
N MET B 114 14.29 4.77 0.21
CA MET B 114 13.73 5.19 1.49
C MET B 114 12.56 4.27 1.84
N ASN B 115 11.94 4.58 2.97
CA ASN B 115 10.74 3.88 3.43
C ASN B 115 10.19 4.67 4.61
N PHE B 116 8.89 4.52 4.86
CA PHE B 116 8.24 5.21 5.95
C PHE B 116 7.96 4.21 7.07
N LYS B 117 8.69 4.35 8.18
CA LYS B 117 8.50 3.52 9.35
C LYS B 117 7.80 4.28 10.48
N GLY B 118 7.39 5.52 10.25
CA GLY B 118 6.67 6.29 11.26
C GLY B 118 7.38 7.56 11.69
N LEU B 119 6.62 8.48 12.29
CA LEU B 119 7.18 9.70 12.87
C LEU B 119 6.88 9.70 14.36
N SER B 120 7.92 9.79 15.18
CA SER B 120 7.73 9.73 16.63
C SER B 120 7.21 11.06 17.19
N ASN B 121 7.78 12.17 16.75
CA ASN B 121 7.43 13.48 17.30
C ASN B 121 5.94 13.74 17.13
N LEU B 122 5.22 13.91 18.25
CA LEU B 122 3.78 14.11 18.18
C LEU B 122 3.44 15.43 17.50
N GLN B 123 4.22 16.49 17.77
CA GLN B 123 3.90 17.78 17.19
C GLN B 123 4.04 17.76 15.67
N GLU B 124 5.04 17.01 15.16
CA GLU B 124 5.19 16.91 13.71
C GLU B 124 3.99 16.24 13.08
N ARG B 125 3.49 15.16 13.69
CA ARG B 125 2.31 14.50 13.17
C ARG B 125 1.08 15.40 13.27
N VAL B 126 0.97 16.16 14.36
CA VAL B 126 -0.13 17.11 14.50
C VAL B 126 -0.09 18.14 13.37
N ASP B 127 1.10 18.67 13.08
CA ASP B 127 1.24 19.66 12.02
C ASP B 127 0.89 19.05 10.67
N ILE B 128 1.29 17.80 10.44
CA ILE B 128 0.95 17.14 9.18
C ILE B 128 -0.56 16.98 9.05
N VAL B 129 -1.24 16.62 10.15
CA VAL B 129 -2.69 16.50 10.09
C VAL B 129 -3.32 17.87 9.79
N HIS B 130 -2.79 18.92 10.43
CA HIS B 130 -3.30 20.26 10.15
C HIS B 130 -3.16 20.59 8.67
N TYR B 131 -2.05 20.20 8.06
CA TYR B 131 -1.86 20.41 6.64
C TYR B 131 -2.85 19.59 5.81
N LEU B 132 -3.03 18.31 6.19
CA LEU B 132 -3.90 17.43 5.42
C LEU B 132 -5.36 17.88 5.48
N LYS B 133 -5.77 18.51 6.58
CA LYS B 133 -7.15 18.96 6.69
C LYS B 133 -7.47 20.06 5.69
N THR B 134 -6.45 20.82 5.25
CA THR B 134 -6.66 21.83 4.24
C THR B 134 -6.73 21.26 2.82
N LEU B 135 -6.29 20.02 2.63
CA LEU B 135 -6.33 19.38 1.31
C LEU B 135 -7.75 18.87 1.01
N THR B 136 -8.69 19.81 0.96
CA THR B 136 -10.09 19.51 0.72
C THR B 136 -10.65 20.49 -0.29
N TYR B 137 -11.81 20.13 -0.85
CA TYR B 137 -12.43 20.95 -1.88
C TYR B 137 -13.02 22.24 -1.34
N ASP B 138 -13.19 22.37 -0.02
CA ASP B 138 -13.81 23.55 0.57
C ASP B 138 -12.81 24.45 1.29
N ASP B 139 -11.52 24.18 1.17
CA ASP B 139 -10.49 25.02 1.77
C ASP B 139 -9.77 25.81 0.68
N PRO B 140 -9.44 27.09 0.93
CA PRO B 140 -8.74 27.87 -0.11
C PRO B 140 -7.51 27.17 -0.67
N TYR B 141 -6.69 26.57 0.19
CA TYR B 141 -5.50 25.87 -0.29
C TYR B 141 -5.88 24.71 -1.21
N GLY B 142 -6.81 23.85 -0.77
CA GLY B 142 -7.27 22.77 -1.62
C GLY B 142 -7.94 23.28 -2.88
N LYS B 143 -8.61 24.43 -2.79
CA LYS B 143 -9.17 25.05 -3.99
C LYS B 143 -8.07 25.37 -4.98
N GLN B 144 -6.97 25.95 -4.51
CA GLN B 144 -5.85 26.25 -5.40
C GLN B 144 -5.23 24.97 -5.95
N ILE B 145 -5.21 23.90 -5.16
CA ILE B 145 -4.70 22.63 -5.66
C ILE B 145 -5.56 22.12 -6.81
N VAL B 146 -6.88 22.16 -6.64
CA VAL B 146 -7.79 21.78 -7.72
C VAL B 146 -7.57 22.68 -8.92
N GLU B 147 -7.33 23.96 -8.69
CA GLU B 147 -6.99 24.89 -9.77
C GLU B 147 -5.78 24.38 -10.56
N LYS B 148 -4.68 24.14 -9.86
CA LYS B 148 -3.43 23.73 -10.53
C LYS B 148 -3.64 22.43 -11.29
N TYR B 149 -4.03 21.37 -10.59
CA TYR B 149 -4.08 20.05 -11.21
C TYR B 149 -5.24 19.88 -12.19
N THR B 150 -6.10 20.89 -12.34
CA THR B 150 -7.14 20.85 -13.35
C THR B 150 -6.76 21.59 -14.63
N LYS B 151 -5.84 22.55 -14.56
CA LYS B 151 -5.38 23.27 -15.73
C LYS B 151 -4.38 22.44 -16.52
FE HEC C . 1.82 6.50 3.04
CHA HEC C . -0.91 4.51 2.42
CHB HEC C . -0.15 8.68 4.77
CHC HEC C . 4.60 8.40 3.80
CHD HEC C . 3.70 4.65 0.86
NA HEC C . -0.16 6.58 3.50
C1A HEC C . -1.12 5.64 3.17
C2A HEC C . -2.38 6.06 3.77
C3A HEC C . -2.16 7.20 4.41
C4A HEC C . -0.77 7.56 4.26
CMA HEC C . -3.21 8.02 5.20
CAA HEC C . -3.72 5.31 3.66
CBA HEC C . -4.52 5.93 2.51
CGA HEC C . -5.91 5.36 2.46
O1A HEC C . -6.73 5.89 1.68
O2A HEC C . -6.20 4.39 3.21
NB HEC C . 2.17 8.23 4.06
C1B HEC C . 1.20 8.94 4.77
C2B HEC C . 1.87 10.00 5.49
C3B HEC C . 3.18 9.94 5.21
C4B HEC C . 3.39 8.82 4.32
CMB HEC C . 1.11 11.01 6.39
CAB HEC C . 4.31 10.84 5.77
CBB HEC C . 4.19 11.48 6.93
NC HEC C . 3.79 6.53 2.45
C1C HEC C . 4.77 7.39 2.88
C2C HEC C . 6.00 7.06 2.19
C3C HEC C . 5.75 6.02 1.37
C4C HEC C . 4.35 5.67 1.52
CMC HEC C . 7.34 7.80 2.38
CAC HEC C . 6.73 5.29 0.42
CBC HEC C . 8.04 5.29 0.66
ND HEC C . 1.46 4.85 1.89
C1D HEC C . 2.36 4.31 0.99
C2D HEC C . 1.67 3.31 0.22
C3D HEC C . 0.40 3.27 0.64
C4D HEC C . 0.25 4.23 1.71
CMD HEC C . 2.29 2.45 -0.90
CAD HEC C . -0.70 2.33 0.09
CBD HEC C . -0.52 0.95 0.71
CGD HEC C . -0.76 1.02 2.19
O1D HEC C . -1.82 1.61 2.59
O2D HEC C . 0.08 0.50 2.97
HHA HEC C . -1.63 3.84 2.38
HHB HEC C . -0.73 9.35 5.20
HHC HEC C . 5.40 8.86 4.11
HHD HEC C . 4.23 4.13 0.22
HMA1 HEC C . -3.57 7.49 5.94
HMA2 HEC C . -2.80 8.83 5.56
HMA3 HEC C . -3.94 8.28 4.60
HAA1 HEC C . -4.22 5.41 4.49
HAA2 HEC C . -3.57 4.37 3.49
HBA1 HEC C . -4.07 5.76 1.67
HBA2 HEC C . -4.57 6.90 2.65
HMB1 HEC C . 0.30 11.29 5.95
HMB2 HEC C . 0.91 10.60 7.24
HMB3 HEC C . 1.69 11.78 6.54
HAB HEC C . 5.12 10.94 5.26
HBB1 HEC C . 4.92 12.04 7.26
HBB2 HEC C . 3.38 11.38 7.46
HMC1 HEC C . 7.17 8.66 2.78
HMC2 HEC C . 7.92 7.28 2.96
HMC3 HEC C . 7.77 7.91 1.51
HAC HEC C . 6.39 4.83 -0.35
HBC1 HEC C . 8.65 4.82 0.06
HBC2 HEC C . 8.40 5.76 1.44
HMD1 HEC C . 2.63 3.03 -1.61
HMD2 HEC C . 3.02 1.92 -0.54
HMD3 HEC C . 1.61 1.85 -1.27
HAD1 HEC C . -1.57 2.68 0.33
HAD2 HEC C . -0.63 2.27 -0.88
HBD1 HEC C . -1.14 0.33 0.30
HBD2 HEC C . 0.39 0.64 0.55
FE HEC D . 0.91 -7.70 -0.48
CHA HEC D . 1.60 -4.97 -2.41
CHB HEC D . 2.46 -9.73 -2.80
CHC HEC D . 0.58 -10.38 1.62
CHD HEC D . -1.01 -5.79 1.61
NA HEC D . 1.87 -7.40 -2.27
C1A HEC D . 2.02 -6.19 -2.90
C2A HEC D . 2.70 -6.43 -4.16
C3A HEC D . 2.94 -7.74 -4.26
C4A HEC D . 2.42 -8.38 -3.07
CMA HEC D . 3.64 -8.45 -5.44
CAA HEC D . 3.09 -5.35 -5.20
CBA HEC D . 2.11 -5.42 -6.37
CGA HEC D . 2.45 -4.36 -7.40
O1A HEC D . 1.69 -4.24 -8.39
O2A HEC D . 3.48 -3.65 -7.22
NB HEC D . 1.41 -9.70 -0.57
C1B HEC D . 2.07 -10.32 -1.61
C2B HEC D . 2.26 -11.71 -1.25
C3B HEC D . 1.71 -11.90 -0.04
C4B HEC D . 1.20 -10.63 0.42
CMB HEC D . 2.93 -12.77 -2.15
CAB HEC D . 1.68 -13.20 0.81
CBB HEC D . 2.67 -14.10 0.73
NC HEC D . -0.01 -8.01 1.30
C1C HEC D . -0.09 -9.22 1.96
C2C HEC D . -0.99 -9.06 3.08
C3C HEC D . -1.44 -7.80 3.08
C4C HEC D . -0.82 -7.11 1.97
CMC HEC D . -1.34 -10.20 4.07
CAC HEC D . -2.41 -7.12 4.08
CBC HEC D . -2.54 -7.58 5.34
ND HEC D . 0.43 -5.73 -0.39
C1D HEC D . -0.47 -5.17 0.49
C2D HEC D . -0.72 -3.81 0.06
C3D HEC D . -0.01 -3.58 -1.04
C4D HEC D . 0.74 -4.79 -1.35
CMD HEC D . -1.66 -2.80 0.75
CAD HEC D . 0.03 -2.27 -1.86
CBD HEC D . 1.07 -1.34 -1.24
CGD HEC D . 2.46 -1.87 -1.47
O1D HEC D . 2.82 -2.13 -2.65
O2D HEC D . 3.21 -2.02 -0.47
HHA HEC D . 1.94 -4.17 -2.86
HHB HEC D . 2.80 -10.33 -3.50
HHC HEC D . 0.60 -11.10 2.30
HHD HEC D . -1.59 -5.25 2.18
HMA1 HEC D . 3.68 -9.41 -5.27
HMA2 HEC D . 3.15 -8.29 -6.26
HMA3 HEC D . 4.56 -8.10 -5.53
HAA1 HEC D . 3.99 -5.53 -5.52
HAA2 HEC D . 3.05 -4.47 -4.79
HBA1 HEC D . 1.21 -5.26 -6.03
HBA2 HEC D . 2.15 -6.28 -6.78
HMB1 HEC D . 2.56 -12.73 -3.04
HMB2 HEC D . 3.88 -12.59 -2.20
HMB3 HEC D . 2.78 -13.65 -1.77
HAB HEC D . 0.95 -13.36 1.40
HBB1 HEC D . 2.64 -14.91 1.26
HBB2 HEC D . 3.41 -13.94 0.12
HMC1 HEC D . -1.45 -11.03 3.58
HMC2 HEC D . -0.63 -10.30 4.71
HMC3 HEC D . -2.17 -9.98 4.52
HAC HEC D . -2.94 -6.37 3.79
HBC1 HEC D . -3.15 -7.14 5.95
HBC2 HEC D . -2.01 -8.34 5.63
HMD1 HEC D . -1.36 -2.64 1.67
HMD2 HEC D . -1.66 -1.96 0.25
HMD3 HEC D . -2.58 -3.16 0.76
HAD1 HEC D . 0.28 -2.47 -2.77
HAD2 HEC D . -0.84 -1.85 -1.83
HBD1 HEC D . 1.00 -0.46 -1.65
HBD2 HEC D . 0.91 -1.26 -0.29
#